data_1EJJ
#
_entry.id   1EJJ
#
_cell.length_a   58.486
_cell.length_b   206.293
_cell.length_c   125.134
_cell.angle_alpha   90.00
_cell.angle_beta   90.00
_cell.angle_gamma   90.00
#
_symmetry.space_group_name_H-M   'C 2 2 21'
#
loop_
_entity.id
_entity.type
_entity.pdbx_description
1 polymer 'PHOSPHOGLYCERATE MUTASE'
2 non-polymer 'MANGANESE (II) ION'
3 non-polymer '3-PHOSPHOGLYCERIC ACID'
4 water water
#
_entity_poly.entity_id   1
_entity_poly.type   'polypeptide(L)'
_entity_poly.pdbx_seq_one_letter_code
;MSKKPVALIILDGFALRDETYGNAVAQANKPNFDRYWNEYPHTTLKACGEAVGLPEGQMGNSEVGHLNIGAGRIVYQSLT
RINIAIREGEFDRNETFLAAMNHVKQHGTSLHLFGLLSDGGVHSHIHHLYALLRLAAKEGVKRVYIHGFLDGRDVGPQTA
PQYIKELQEKIKEYGVGEIATLSGRYYSMDRDKRWDRVEKAYRAMVYGEGPTYRDPLECIEDSYKHGIYDEFVLPSVIVR
EDGRPVATIQDNDAIIFYNFRPDRAIQISNTFTNEDFREFDRGPKHPKHLFFVCLTHFSETVAGYVAFKPTNLDNTIGEV
LSQHGLRQLRIAETEKYPHVTFFMSGGREEEFPGEDRILINSPKVPTYDLKPEMSAYEVTDALLKEIEADKYDAIILNYA
NPDMVGHSGKLEPTIKAVEAVDECLGKVVDAILAKGGIAIITADHGNADEVLTPDGKPQTAHTTNPVPVIVTKKGIKLRD
GGILGDLAPTMLDLLGLPQPKEMTGKSLIVK
;
_entity_poly.pdbx_strand_id   A
#
# COMPACT_ATOMS: atom_id res chain seq x y z
N LYS A 3 -22.84 24.79 -10.27
CA LYS A 3 -21.51 24.19 -9.96
C LYS A 3 -21.19 23.00 -10.86
N LYS A 4 -20.33 23.22 -11.87
CA LYS A 4 -19.90 22.19 -12.82
C LYS A 4 -18.66 21.50 -12.27
N PRO A 5 -18.83 20.39 -11.53
CA PRO A 5 -17.68 19.71 -10.96
C PRO A 5 -16.77 18.94 -11.90
N VAL A 6 -15.48 18.98 -11.58
CA VAL A 6 -14.47 18.24 -12.32
C VAL A 6 -14.12 17.12 -11.34
N ALA A 7 -14.31 15.88 -11.75
CA ALA A 7 -14.06 14.75 -10.87
C ALA A 7 -13.01 13.75 -11.35
N LEU A 8 -12.10 13.40 -10.47
CA LEU A 8 -11.06 12.42 -10.80
C LEU A 8 -11.49 11.09 -10.21
N ILE A 9 -11.91 10.16 -11.07
CA ILE A 9 -12.34 8.85 -10.60
C ILE A 9 -11.25 7.80 -10.81
N ILE A 10 -10.79 7.22 -9.71
CA ILE A 10 -9.73 6.21 -9.76
C ILE A 10 -10.28 4.80 -9.61
N LEU A 11 -10.15 4.01 -10.67
CA LEU A 11 -10.59 2.63 -10.65
C LEU A 11 -9.36 1.88 -10.18
N ASP A 12 -9.30 1.63 -8.88
CA ASP A 12 -8.15 0.96 -8.30
C ASP A 12 -7.84 -0.44 -8.81
N GLY A 13 -6.69 -0.58 -9.47
CA GLY A 13 -6.28 -1.87 -10.02
C GLY A 13 -6.90 -2.18 -11.37
N PHE A 14 -7.30 -1.16 -12.10
CA PHE A 14 -7.93 -1.33 -13.41
C PHE A 14 -6.94 -0.91 -14.49
N ALA A 15 -6.25 -1.86 -15.11
CA ALA A 15 -5.29 -1.51 -16.15
C ALA A 15 -5.65 -2.14 -17.49
N LEU A 16 -4.93 -1.74 -18.54
CA LEU A 16 -5.20 -2.25 -19.88
C LEU A 16 -4.18 -3.27 -20.35
N ARG A 17 -4.65 -4.49 -20.54
CA ARG A 17 -3.79 -5.57 -20.99
C ARG A 17 -4.45 -6.36 -22.12
N ASP A 18 -3.71 -6.58 -23.20
CA ASP A 18 -4.21 -7.30 -24.37
C ASP A 18 -4.67 -8.75 -24.15
N GLU A 19 -3.85 -9.60 -23.55
CA GLU A 19 -4.28 -10.99 -23.34
C GLU A 19 -5.50 -11.00 -22.46
N THR A 20 -6.48 -11.79 -22.89
CA THR A 20 -7.73 -11.90 -22.18
C THR A 20 -7.71 -13.00 -21.13
N TYR A 21 -6.68 -13.85 -21.16
CA TYR A 21 -6.60 -14.94 -20.20
C TYR A 21 -6.35 -14.45 -18.78
N GLY A 22 -7.28 -14.75 -17.88
CA GLY A 22 -7.18 -14.33 -16.49
C GLY A 22 -7.41 -12.85 -16.30
N ASN A 23 -7.82 -12.15 -17.37
CA ASN A 23 -8.06 -10.71 -17.36
C ASN A 23 -9.52 -10.37 -17.04
N ALA A 24 -9.82 -10.11 -15.77
CA ALA A 24 -11.18 -9.78 -15.34
C ALA A 24 -11.65 -8.42 -15.88
N VAL A 25 -10.71 -7.54 -16.21
CA VAL A 25 -11.06 -6.23 -16.73
C VAL A 25 -11.68 -6.42 -18.11
N ALA A 26 -10.98 -7.17 -18.95
CA ALA A 26 -11.43 -7.44 -20.31
C ALA A 26 -12.69 -8.31 -20.38
N GLN A 27 -12.74 -9.35 -19.55
CA GLN A 27 -13.89 -10.26 -19.55
C GLN A 27 -15.15 -9.73 -18.89
N ALA A 28 -15.03 -8.61 -18.17
CA ALA A 28 -16.20 -8.04 -17.50
C ALA A 28 -17.04 -7.23 -18.47
N ASN A 29 -18.34 -7.19 -18.22
CA ASN A 29 -19.23 -6.41 -19.05
C ASN A 29 -19.27 -5.00 -18.49
N LYS A 30 -18.59 -4.09 -19.19
CA LYS A 30 -18.51 -2.69 -18.79
C LYS A 30 -19.17 -1.78 -19.83
N PRO A 31 -20.51 -1.80 -19.90
CA PRO A 31 -21.15 -0.93 -20.89
C PRO A 31 -20.75 0.52 -20.67
N ASN A 32 -20.88 0.99 -19.44
CA ASN A 32 -20.56 2.36 -19.09
C ASN A 32 -19.14 2.78 -19.43
N PHE A 33 -18.17 2.04 -18.93
CA PHE A 33 -16.77 2.36 -19.23
C PHE A 33 -16.50 2.40 -20.72
N ASP A 34 -17.01 1.39 -21.43
CA ASP A 34 -16.79 1.29 -22.85
C ASP A 34 -17.33 2.46 -23.67
N ARG A 35 -18.56 2.90 -23.41
CA ARG A 35 -19.12 4.02 -24.15
C ARG A 35 -18.28 5.27 -23.97
N TYR A 36 -17.93 5.57 -22.73
CA TYR A 36 -17.11 6.74 -22.41
C TYR A 36 -15.77 6.67 -23.12
N TRP A 37 -15.22 5.46 -23.20
CA TRP A 37 -13.93 5.24 -23.86
C TRP A 37 -14.11 5.55 -25.34
N ASN A 38 -15.21 5.08 -25.90
CA ASN A 38 -15.50 5.30 -27.31
C ASN A 38 -15.97 6.73 -27.60
N GLU A 39 -16.93 7.24 -26.82
CA GLU A 39 -17.46 8.58 -27.05
C GLU A 39 -16.61 9.77 -26.58
N TYR A 40 -15.64 9.53 -25.69
CA TYR A 40 -14.81 10.63 -25.18
C TYR A 40 -13.32 10.46 -25.40
N PRO A 41 -12.57 11.58 -25.38
CA PRO A 41 -11.11 11.51 -25.57
C PRO A 41 -10.45 10.64 -24.50
N HIS A 42 -9.53 9.78 -24.93
CA HIS A 42 -8.85 8.90 -24.00
C HIS A 42 -7.40 8.67 -24.38
N THR A 43 -6.69 7.94 -23.53
CA THR A 43 -5.28 7.61 -23.73
C THR A 43 -4.90 6.68 -22.59
N THR A 44 -3.63 6.28 -22.54
CA THR A 44 -3.16 5.41 -21.47
C THR A 44 -1.94 6.05 -20.85
N LEU A 45 -1.66 5.72 -19.59
CA LEU A 45 -0.51 6.30 -18.89
C LEU A 45 0.38 5.22 -18.28
N LYS A 46 1.67 5.54 -18.14
CA LYS A 46 2.62 4.63 -17.53
C LYS A 46 2.40 4.78 -16.03
N ALA A 47 2.09 3.68 -15.36
CA ALA A 47 1.88 3.72 -13.91
C ALA A 47 2.88 2.81 -13.20
N CYS A 48 4.08 2.71 -13.76
CA CYS A 48 5.09 1.85 -13.15
C CYS A 48 6.51 2.25 -13.52
N GLY A 49 7.46 1.63 -12.83
CA GLY A 49 8.86 1.88 -13.07
C GLY A 49 9.26 3.31 -12.86
N GLU A 50 10.26 3.77 -13.60
CA GLU A 50 10.72 5.13 -13.45
C GLU A 50 9.66 6.16 -13.76
N ALA A 51 8.61 5.78 -14.48
CA ALA A 51 7.54 6.72 -14.81
C ALA A 51 6.81 7.24 -13.54
N VAL A 52 7.01 6.55 -12.42
CA VAL A 52 6.37 6.94 -11.16
C VAL A 52 7.32 6.93 -9.97
N GLY A 53 8.61 7.12 -10.24
CA GLY A 53 9.60 7.15 -9.18
C GLY A 53 10.08 5.83 -8.63
N LEU A 54 9.87 4.74 -9.37
CA LEU A 54 10.30 3.42 -8.92
C LEU A 54 11.42 2.87 -9.81
N PRO A 55 12.15 1.84 -9.33
CA PRO A 55 13.23 1.27 -10.16
C PRO A 55 12.58 0.76 -11.43
N GLU A 56 13.32 0.67 -12.54
CA GLU A 56 12.68 0.19 -13.75
C GLU A 56 12.28 -1.26 -13.55
N GLY A 57 11.06 -1.58 -13.98
CA GLY A 57 10.55 -2.93 -13.82
C GLY A 57 9.56 -3.06 -12.68
N GLN A 58 9.77 -2.31 -11.62
CA GLN A 58 8.90 -2.37 -10.46
C GLN A 58 7.46 -1.95 -10.76
N MET A 59 6.51 -2.83 -10.45
CA MET A 59 5.10 -2.55 -10.67
C MET A 59 4.69 -1.44 -9.73
N GLY A 60 3.59 -0.75 -10.05
CA GLY A 60 3.15 0.33 -9.19
C GLY A 60 2.25 -0.17 -8.06
N ASN A 61 1.59 0.76 -7.38
CA ASN A 61 0.66 0.42 -6.30
C ASN A 61 -0.08 1.68 -5.85
N SER A 62 -1.01 1.50 -4.93
CA SER A 62 -1.81 2.61 -4.42
C SER A 62 -1.03 3.78 -3.84
N GLU A 63 -0.05 3.49 -2.97
CA GLU A 63 0.73 4.58 -2.40
C GLU A 63 1.41 5.34 -3.51
N VAL A 64 2.27 4.63 -4.24
CA VAL A 64 3.04 5.19 -5.35
C VAL A 64 2.10 5.87 -6.34
N GLY A 65 1.03 5.15 -6.68
CA GLY A 65 0.04 5.64 -7.63
C GLY A 65 -0.70 6.89 -7.21
N HIS A 66 -1.22 6.90 -5.99
CA HIS A 66 -1.97 8.05 -5.51
C HIS A 66 -1.04 9.21 -5.21
N LEU A 67 0.20 8.90 -4.86
CA LEU A 67 1.21 9.92 -4.57
C LEU A 67 1.48 10.70 -5.86
N ASN A 68 1.77 9.95 -6.93
CA ASN A 68 2.07 10.54 -8.22
C ASN A 68 0.88 11.26 -8.84
N ILE A 69 -0.31 10.67 -8.74
CA ILE A 69 -1.49 11.30 -9.33
C ILE A 69 -1.74 12.65 -8.66
N GLY A 70 -1.76 12.68 -7.33
CA GLY A 70 -1.99 13.92 -6.62
C GLY A 70 -0.88 14.96 -6.68
N ALA A 71 0.35 14.53 -6.93
CA ALA A 71 1.51 15.42 -6.98
C ALA A 71 1.75 16.20 -8.28
N GLY A 72 1.29 15.66 -9.40
CA GLY A 72 1.50 16.34 -10.67
C GLY A 72 2.98 16.41 -11.04
N ARG A 73 3.72 15.37 -10.68
CA ARG A 73 5.14 15.26 -10.96
C ARG A 73 5.53 13.84 -10.63
N ILE A 74 6.71 13.43 -11.08
CA ILE A 74 7.20 12.08 -10.79
C ILE A 74 7.71 12.14 -9.36
N VAL A 75 7.05 11.41 -8.47
CA VAL A 75 7.45 11.41 -7.06
C VAL A 75 8.48 10.32 -6.79
N TYR A 76 9.66 10.72 -6.33
CA TYR A 76 10.75 9.79 -6.01
C TYR A 76 10.25 8.86 -4.90
N GLN A 77 10.32 7.55 -5.14
CA GLN A 77 9.81 6.61 -4.16
C GLN A 77 10.84 6.07 -3.17
N SER A 78 10.32 5.56 -2.06
CA SER A 78 11.14 5.01 -0.99
C SER A 78 11.97 3.81 -1.42
N LEU A 79 11.35 2.85 -2.09
CA LEU A 79 12.07 1.66 -2.53
C LEU A 79 13.34 2.09 -3.28
N THR A 80 13.16 2.93 -4.30
CA THR A 80 14.27 3.43 -5.11
C THR A 80 15.34 4.08 -4.25
N ARG A 81 14.92 5.05 -3.43
CA ARG A 81 15.81 5.78 -2.55
C ARG A 81 16.71 4.88 -1.71
N ILE A 82 16.11 3.95 -0.99
CA ILE A 82 16.86 3.03 -0.14
C ILE A 82 17.76 2.13 -0.99
N ASN A 83 17.27 1.71 -2.14
CA ASN A 83 18.07 0.87 -3.03
C ASN A 83 19.36 1.60 -3.35
N ILE A 84 19.23 2.89 -3.64
CA ILE A 84 20.37 3.71 -3.96
C ILE A 84 21.27 3.82 -2.75
N ALA A 85 20.68 3.99 -1.57
CA ALA A 85 21.47 4.11 -0.35
C ALA A 85 22.36 2.89 -0.17
N ILE A 86 21.79 1.71 -0.39
CA ILE A 86 22.53 0.48 -0.25
C ILE A 86 23.60 0.37 -1.32
N ARG A 87 23.28 0.84 -2.51
CA ARG A 87 24.20 0.80 -3.64
C ARG A 87 25.38 1.75 -3.49
N GLU A 88 25.13 2.91 -2.90
CA GLU A 88 26.16 3.92 -2.72
C GLU A 88 26.87 3.83 -1.38
N GLY A 89 26.61 2.76 -0.64
CA GLY A 89 27.26 2.57 0.66
C GLY A 89 26.86 3.57 1.71
N GLU A 90 25.69 4.17 1.54
CA GLU A 90 25.17 5.16 2.48
C GLU A 90 24.25 4.50 3.51
N PHE A 91 23.69 3.37 3.14
CA PHE A 91 22.79 2.64 4.01
C PHE A 91 23.51 2.28 5.30
N ASP A 92 24.76 1.83 5.18
CA ASP A 92 25.57 1.43 6.33
C ASP A 92 26.02 2.62 7.22
N ARG A 93 25.84 3.85 6.73
CA ARG A 93 26.24 5.02 7.49
C ARG A 93 25.07 5.74 8.15
N ASN A 94 23.87 5.20 7.98
CA ASN A 94 22.64 5.76 8.54
C ASN A 94 22.72 5.87 10.08
N GLU A 95 22.65 7.09 10.58
CA GLU A 95 22.75 7.32 12.00
C GLU A 95 21.67 6.67 12.84
N THR A 96 20.47 6.55 12.29
CA THR A 96 19.37 5.94 13.04
C THR A 96 19.67 4.46 13.26
N PHE A 97 20.09 3.78 12.20
CA PHE A 97 20.43 2.36 12.29
C PHE A 97 21.55 2.19 13.31
N LEU A 98 22.61 2.97 13.14
CA LEU A 98 23.74 2.90 14.03
C LEU A 98 23.37 3.22 15.48
N ALA A 99 22.46 4.16 15.67
CA ALA A 99 22.03 4.55 17.02
C ALA A 99 21.25 3.42 17.67
N ALA A 100 20.48 2.70 16.87
CA ALA A 100 19.69 1.58 17.38
C ALA A 100 20.63 0.43 17.73
N MET A 101 21.66 0.24 16.92
CA MET A 101 22.64 -0.83 17.13
C MET A 101 23.49 -0.55 18.36
N ASN A 102 23.80 0.72 18.59
CA ASN A 102 24.57 1.10 19.75
C ASN A 102 23.77 0.89 21.03
N HIS A 103 22.47 1.13 20.94
CA HIS A 103 21.57 0.97 22.07
C HIS A 103 21.58 -0.47 22.59
N VAL A 104 21.43 -1.44 21.70
CA VAL A 104 21.41 -2.83 22.13
C VAL A 104 22.77 -3.24 22.66
N LYS A 105 23.83 -2.76 22.04
CA LYS A 105 25.17 -3.08 22.48
C LYS A 105 25.44 -2.42 23.84
N GLN A 106 25.15 -1.12 23.95
CA GLN A 106 25.36 -0.36 25.17
C GLN A 106 24.56 -0.84 26.36
N HIS A 107 23.32 -1.20 26.13
CA HIS A 107 22.44 -1.65 27.20
C HIS A 107 22.25 -3.17 27.23
N GLY A 108 23.14 -3.86 26.52
CA GLY A 108 23.13 -5.30 26.45
C GLY A 108 21.79 -5.95 26.21
N THR A 109 21.03 -5.46 25.22
CA THR A 109 19.73 -6.03 24.92
C THR A 109 19.74 -6.72 23.55
N SER A 110 18.58 -6.86 22.93
CA SER A 110 18.51 -7.52 21.64
C SER A 110 17.92 -6.65 20.54
N LEU A 111 18.32 -6.92 19.30
CA LEU A 111 17.82 -6.19 18.14
C LEU A 111 16.80 -7.07 17.44
N HIS A 112 15.63 -6.48 17.16
CA HIS A 112 14.54 -7.18 16.49
C HIS A 112 14.26 -6.52 15.14
N LEU A 113 14.18 -7.32 14.08
CA LEU A 113 13.91 -6.83 12.73
C LEU A 113 12.50 -7.26 12.27
N PHE A 114 11.65 -6.25 12.03
CA PHE A 114 10.25 -6.38 11.61
C PHE A 114 10.08 -6.13 10.12
N GLY A 115 9.23 -6.90 9.45
CA GLY A 115 9.04 -6.61 8.04
C GLY A 115 8.55 -7.69 7.12
N LEU A 116 7.96 -7.24 6.02
CA LEU A 116 7.43 -8.11 4.98
C LEU A 116 8.57 -8.89 4.37
N LEU A 117 8.50 -10.20 4.53
CA LEU A 117 9.51 -11.11 4.03
C LEU A 117 9.25 -11.56 2.59
N SER A 118 9.66 -10.74 1.64
CA SER A 118 9.49 -11.06 0.23
C SER A 118 10.13 -9.93 -0.53
N ASP A 119 10.25 -10.07 -1.84
CA ASP A 119 10.85 -9.01 -2.65
C ASP A 119 9.78 -8.28 -3.47
N GLY A 120 8.55 -8.23 -2.95
CA GLY A 120 7.47 -7.55 -3.65
C GLY A 120 7.85 -6.12 -3.97
N GLY A 121 8.56 -5.49 -3.05
CA GLY A 121 8.99 -4.11 -3.24
C GLY A 121 7.92 -3.06 -3.03
N VAL A 122 6.73 -3.49 -2.64
CA VAL A 122 5.60 -2.57 -2.41
C VAL A 122 5.59 -2.00 -0.99
N HIS A 123 5.88 -2.85 -0.01
CA HIS A 123 5.93 -2.43 1.38
C HIS A 123 7.33 -2.60 1.94
N SER A 124 8.14 -3.39 1.25
CA SER A 124 9.51 -3.65 1.68
C SER A 124 10.23 -4.44 0.59
N HIS A 125 11.45 -4.83 0.90
CA HIS A 125 12.23 -5.67 0.01
C HIS A 125 13.15 -6.46 0.92
N ILE A 126 13.11 -7.78 0.77
CA ILE A 126 13.93 -8.68 1.59
C ILE A 126 15.41 -8.31 1.50
N HIS A 127 15.80 -7.69 0.40
CA HIS A 127 17.19 -7.32 0.25
C HIS A 127 17.56 -6.21 1.24
N HIS A 128 16.57 -5.49 1.74
CA HIS A 128 16.82 -4.41 2.70
C HIS A 128 17.10 -5.06 4.06
N LEU A 129 16.42 -6.18 4.33
CA LEU A 129 16.60 -6.92 5.57
C LEU A 129 18.02 -7.51 5.62
N TYR A 130 18.47 -8.05 4.50
CA TYR A 130 19.82 -8.63 4.43
C TYR A 130 20.85 -7.52 4.67
N ALA A 131 20.57 -6.32 4.19
CA ALA A 131 21.48 -5.19 4.39
C ALA A 131 21.60 -4.87 5.88
N LEU A 132 20.48 -4.96 6.60
CA LEU A 132 20.48 -4.70 8.03
C LEU A 132 21.22 -5.81 8.74
N LEU A 133 21.06 -7.04 8.24
CA LEU A 133 21.71 -8.19 8.85
C LEU A 133 23.21 -8.08 8.66
N ARG A 134 23.62 -7.63 7.47
CA ARG A 134 25.03 -7.44 7.16
C ARG A 134 25.58 -6.32 8.03
N LEU A 135 24.77 -5.27 8.20
CA LEU A 135 25.16 -4.12 9.01
C LEU A 135 25.25 -4.50 10.49
N ALA A 136 24.33 -5.33 10.98
CA ALA A 136 24.33 -5.76 12.37
C ALA A 136 25.57 -6.58 12.64
N ALA A 137 25.95 -7.43 11.69
CA ALA A 137 27.14 -8.26 11.83
C ALA A 137 28.36 -7.35 11.85
N LYS A 138 28.39 -6.36 10.96
CA LYS A 138 29.50 -5.41 10.89
C LYS A 138 29.62 -4.60 12.19
N GLU A 139 28.48 -4.29 12.81
CA GLU A 139 28.43 -3.51 14.03
C GLU A 139 28.63 -4.34 15.30
N GLY A 140 28.84 -5.63 15.14
CA GLY A 140 29.04 -6.47 16.30
C GLY A 140 27.83 -6.68 17.19
N VAL A 141 26.64 -6.69 16.59
CA VAL A 141 25.42 -6.91 17.37
C VAL A 141 25.27 -8.41 17.58
N LYS A 142 25.45 -8.83 18.81
CA LYS A 142 25.35 -10.23 19.19
C LYS A 142 24.00 -10.87 18.86
N ARG A 143 22.96 -10.39 19.54
CA ARG A 143 21.61 -10.94 19.38
C ARG A 143 20.71 -10.22 18.38
N VAL A 144 20.46 -10.84 17.24
CA VAL A 144 19.59 -10.27 16.22
C VAL A 144 18.46 -11.25 15.89
N TYR A 145 17.21 -10.80 16.04
CA TYR A 145 16.05 -11.65 15.80
C TYR A 145 15.17 -11.12 14.70
N ILE A 146 14.74 -12.02 13.84
CA ILE A 146 13.89 -11.69 12.72
C ILE A 146 12.45 -12.16 12.96
N HIS A 147 11.51 -11.25 12.77
CA HIS A 147 10.09 -11.55 12.91
C HIS A 147 9.57 -11.20 11.52
N GLY A 148 9.39 -12.23 10.71
CA GLY A 148 8.92 -12.01 9.36
C GLY A 148 7.43 -12.06 9.20
N PHE A 149 6.93 -11.19 8.33
CA PHE A 149 5.52 -11.15 8.02
C PHE A 149 5.49 -11.75 6.62
N LEU A 150 4.77 -12.86 6.46
CA LEU A 150 4.71 -13.50 5.17
C LEU A 150 3.79 -12.75 4.19
N ASP A 151 4.26 -12.60 2.95
CA ASP A 151 3.56 -11.87 1.90
C ASP A 151 2.43 -12.67 1.26
N GLY A 152 2.65 -13.08 0.00
CA GLY A 152 1.65 -13.83 -0.74
C GLY A 152 0.63 -12.94 -1.42
N ARG A 153 0.80 -11.63 -1.30
CA ARG A 153 -0.10 -10.63 -1.89
C ARG A 153 0.62 -9.78 -2.94
N ASP A 154 1.93 -9.62 -2.76
CA ASP A 154 2.74 -8.85 -3.69
C ASP A 154 3.61 -9.82 -4.47
N VAL A 155 3.49 -11.10 -4.13
CA VAL A 155 4.24 -12.17 -4.78
C VAL A 155 3.36 -13.42 -4.76
N GLY A 156 3.90 -14.53 -5.24
CA GLY A 156 3.15 -15.78 -5.27
C GLY A 156 2.40 -16.08 -3.97
N PRO A 157 1.21 -16.69 -4.04
CA PRO A 157 0.41 -17.03 -2.84
C PRO A 157 1.09 -17.99 -1.87
N GLN A 158 1.95 -18.85 -2.40
CA GLN A 158 2.67 -19.82 -1.58
C GLN A 158 4.14 -19.78 -1.94
N THR A 159 4.78 -18.64 -1.71
CA THR A 159 6.19 -18.45 -2.03
C THR A 159 7.11 -18.27 -0.81
N ALA A 160 6.54 -18.11 0.38
CA ALA A 160 7.35 -17.92 1.58
C ALA A 160 8.52 -18.88 1.73
N PRO A 161 8.29 -20.18 1.50
CA PRO A 161 9.38 -21.14 1.63
C PRO A 161 10.72 -20.74 1.00
N GLN A 162 10.66 -20.08 -0.16
CA GLN A 162 11.88 -19.67 -0.84
C GLN A 162 12.54 -18.46 -0.19
N TYR A 163 11.74 -17.59 0.40
CA TYR A 163 12.29 -16.42 1.08
C TYR A 163 12.88 -16.85 2.41
N ILE A 164 12.18 -17.74 3.10
CA ILE A 164 12.65 -18.25 4.36
C ILE A 164 13.98 -18.95 4.11
N LYS A 165 14.04 -19.73 3.03
CA LYS A 165 15.24 -20.46 2.65
C LYS A 165 16.38 -19.49 2.36
N GLU A 166 16.14 -18.53 1.48
CA GLU A 166 17.14 -17.53 1.13
C GLU A 166 17.63 -16.79 2.39
N LEU A 167 16.70 -16.40 3.25
CA LEU A 167 17.05 -15.69 4.48
C LEU A 167 17.95 -16.55 5.34
N GLN A 168 17.52 -17.78 5.58
CA GLN A 168 18.30 -18.70 6.39
C GLN A 168 19.73 -18.81 5.85
N GLU A 169 19.86 -18.80 4.53
CA GLU A 169 21.18 -18.89 3.92
C GLU A 169 21.98 -17.63 4.20
N LYS A 170 21.31 -16.49 4.18
CA LYS A 170 21.96 -15.22 4.43
C LYS A 170 22.41 -15.14 5.89
N ILE A 171 21.56 -15.62 6.80
CA ILE A 171 21.86 -15.62 8.23
C ILE A 171 23.16 -16.38 8.47
N LYS A 172 23.30 -17.54 7.82
CA LYS A 172 24.50 -18.39 7.95
C LYS A 172 25.73 -17.69 7.41
N GLU A 173 25.58 -17.09 6.23
CA GLU A 173 26.67 -16.38 5.59
C GLU A 173 27.15 -15.20 6.45
N TYR A 174 26.22 -14.33 6.86
CA TYR A 174 26.54 -13.15 7.66
C TYR A 174 26.93 -13.43 9.11
N GLY A 175 26.48 -14.55 9.66
CA GLY A 175 26.81 -14.89 11.02
C GLY A 175 25.95 -14.24 12.11
N VAL A 176 24.75 -13.77 11.75
CA VAL A 176 23.86 -13.17 12.73
C VAL A 176 22.43 -13.38 12.31
N GLY A 177 21.52 -13.33 13.28
CA GLY A 177 20.13 -13.50 12.97
C GLY A 177 19.58 -14.83 13.38
N GLU A 178 18.29 -14.82 13.68
CA GLU A 178 17.57 -16.01 14.08
C GLU A 178 16.11 -15.70 13.84
N ILE A 179 15.43 -16.51 13.04
CA ILE A 179 14.02 -16.26 12.80
C ILE A 179 13.28 -16.60 14.10
N ALA A 180 12.61 -15.61 14.68
CA ALA A 180 11.90 -15.80 15.94
C ALA A 180 10.41 -16.09 15.74
N THR A 181 9.78 -15.39 14.80
CA THR A 181 8.36 -15.60 14.52
C THR A 181 8.08 -15.38 13.05
N LEU A 182 6.96 -15.94 12.60
CA LEU A 182 6.49 -15.85 11.22
C LEU A 182 4.99 -15.59 11.29
N SER A 183 4.52 -14.53 10.64
CA SER A 183 3.08 -14.27 10.63
C SER A 183 2.61 -13.72 9.30
N GLY A 184 1.39 -14.07 8.93
CA GLY A 184 0.87 -13.55 7.68
C GLY A 184 0.71 -12.05 7.82
N ARG A 185 0.91 -11.32 6.74
CA ARG A 185 0.77 -9.87 6.76
C ARG A 185 -0.67 -9.50 7.11
N TYR A 186 -1.55 -10.50 7.06
CA TYR A 186 -2.95 -10.31 7.37
C TYR A 186 -3.14 -9.87 8.83
N TYR A 187 -2.27 -10.38 9.71
CA TYR A 187 -2.34 -10.04 11.12
C TYR A 187 -1.36 -8.94 11.49
N SER A 188 -0.11 -9.08 11.03
CA SER A 188 0.93 -8.12 11.35
C SER A 188 0.94 -6.82 10.54
N MET A 189 0.19 -6.78 9.44
CA MET A 189 0.15 -5.57 8.63
C MET A 189 -1.26 -5.16 8.24
N ASP A 190 -2.15 -5.13 9.22
CA ASP A 190 -3.52 -4.75 8.98
C ASP A 190 -3.55 -3.24 8.82
N ARG A 191 -4.59 -2.74 8.17
CA ARG A 191 -4.72 -1.31 7.97
C ARG A 191 -6.19 -0.91 8.12
N ASP A 192 -7.01 -1.84 8.62
CA ASP A 192 -8.43 -1.60 8.78
C ASP A 192 -8.83 -1.51 10.22
N LYS A 193 -7.86 -1.28 11.08
CA LYS A 193 -8.13 -1.17 12.50
C LYS A 193 -8.81 -2.43 13.04
N ARG A 194 -8.44 -3.58 12.49
CA ARG A 194 -8.97 -4.87 12.95
C ARG A 194 -7.98 -5.26 14.03
N TRP A 195 -8.10 -4.62 15.18
CA TRP A 195 -7.19 -4.82 16.30
C TRP A 195 -7.08 -6.24 16.82
N ASP A 196 -8.00 -7.09 16.40
CA ASP A 196 -7.96 -8.48 16.82
C ASP A 196 -6.82 -9.17 16.06
N ARG A 197 -6.69 -8.82 14.79
CA ARG A 197 -5.65 -9.39 13.95
C ARG A 197 -4.33 -8.93 14.52
N VAL A 198 -4.21 -7.63 14.71
CA VAL A 198 -3.01 -7.01 15.26
C VAL A 198 -2.55 -7.66 16.55
N GLU A 199 -3.49 -7.79 17.49
CA GLU A 199 -3.17 -8.38 18.78
C GLU A 199 -2.51 -9.72 18.59
N LYS A 200 -3.06 -10.54 17.69
CA LYS A 200 -2.51 -11.87 17.43
C LYS A 200 -1.02 -11.80 17.10
N ALA A 201 -0.66 -10.86 16.23
CA ALA A 201 0.73 -10.71 15.85
C ALA A 201 1.55 -10.27 17.06
N TYR A 202 1.04 -9.27 17.76
CA TYR A 202 1.69 -8.71 18.95
C TYR A 202 2.04 -9.74 20.02
N ARG A 203 1.05 -10.52 20.43
CA ARG A 203 1.25 -11.52 21.48
C ARG A 203 2.20 -12.66 21.11
N ALA A 204 2.36 -12.90 19.81
CA ALA A 204 3.27 -13.94 19.37
C ALA A 204 4.69 -13.40 19.52
N MET A 205 4.84 -12.14 19.16
CA MET A 205 6.10 -11.41 19.20
C MET A 205 6.65 -11.09 20.59
N VAL A 206 5.78 -10.62 21.49
CA VAL A 206 6.23 -10.25 22.82
C VAL A 206 5.91 -11.28 23.90
N TYR A 207 5.00 -12.21 23.62
CA TYR A 207 4.66 -13.22 24.61
C TYR A 207 4.96 -14.63 24.14
N GLY A 208 5.28 -14.78 22.86
CA GLY A 208 5.58 -16.11 22.34
C GLY A 208 4.36 -17.00 22.27
N GLU A 209 3.18 -16.39 22.14
CA GLU A 209 1.92 -17.12 22.06
C GLU A 209 1.51 -17.36 20.62
N GLY A 210 1.14 -18.58 20.29
CA GLY A 210 0.73 -18.90 18.93
C GLY A 210 1.30 -20.23 18.53
N PRO A 211 0.93 -20.77 17.36
CA PRO A 211 1.47 -22.07 16.95
C PRO A 211 3.00 -22.10 17.08
N THR A 212 3.54 -23.11 17.75
CA THR A 212 4.98 -23.23 17.96
C THR A 212 5.64 -24.32 17.14
N TYR A 213 6.79 -24.00 16.55
CA TYR A 213 7.52 -24.95 15.74
C TYR A 213 8.99 -24.73 16.01
N ARG A 214 9.81 -25.73 15.72
CA ARG A 214 11.24 -25.61 15.92
C ARG A 214 11.90 -25.26 14.61
N ASP A 215 11.18 -25.50 13.52
CA ASP A 215 11.69 -25.22 12.19
C ASP A 215 10.74 -24.28 11.45
N PRO A 216 11.26 -23.12 10.97
CA PRO A 216 10.43 -22.15 10.24
C PRO A 216 9.68 -22.81 9.08
N LEU A 217 10.37 -23.64 8.30
CA LEU A 217 9.77 -24.34 7.19
C LEU A 217 8.66 -25.32 7.59
N GLU A 218 8.82 -26.06 8.68
CA GLU A 218 7.79 -27.00 9.08
C GLU A 218 6.55 -26.21 9.48
N CYS A 219 6.75 -24.99 9.95
CA CYS A 219 5.65 -24.13 10.34
C CYS A 219 4.83 -23.84 9.10
N ILE A 220 5.52 -23.40 8.05
CA ILE A 220 4.89 -23.07 6.77
C ILE A 220 4.21 -24.30 6.17
N GLU A 221 4.93 -25.43 6.20
CA GLU A 221 4.40 -26.68 5.65
C GLU A 221 3.08 -27.01 6.32
N ASP A 222 3.05 -26.89 7.64
CA ASP A 222 1.85 -27.18 8.40
C ASP A 222 0.69 -26.25 8.07
N SER A 223 0.97 -24.96 7.88
CA SER A 223 -0.08 -24.00 7.55
C SER A 223 -0.70 -24.33 6.20
N TYR A 224 0.16 -24.60 5.22
CA TYR A 224 -0.31 -24.93 3.88
C TYR A 224 -1.15 -26.20 3.99
N LYS A 225 -0.73 -27.11 4.87
CA LYS A 225 -1.44 -28.35 5.08
C LYS A 225 -2.89 -28.07 5.46
N HIS A 226 -3.11 -26.99 6.21
CA HIS A 226 -4.45 -26.61 6.65
C HIS A 226 -5.11 -25.60 5.73
N GLY A 227 -4.57 -25.46 4.52
CA GLY A 227 -5.13 -24.53 3.57
C GLY A 227 -4.85 -23.08 3.85
N ILE A 228 -4.03 -22.81 4.87
CA ILE A 228 -3.67 -21.44 5.25
C ILE A 228 -2.37 -21.05 4.55
N TYR A 229 -2.45 -20.10 3.62
CA TYR A 229 -1.24 -19.69 2.89
C TYR A 229 -0.61 -18.39 3.39
N ASP A 230 0.62 -18.16 2.92
CA ASP A 230 1.44 -17.00 3.27
C ASP A 230 0.72 -15.82 3.91
N GLU A 231 -0.11 -15.16 3.12
CA GLU A 231 -0.86 -14.01 3.57
C GLU A 231 -1.67 -14.19 4.86
N PHE A 232 -2.29 -15.36 5.02
CA PHE A 232 -3.13 -15.64 6.17
C PHE A 232 -2.54 -16.56 7.24
N VAL A 233 -1.23 -16.80 7.19
CA VAL A 233 -0.56 -17.65 8.18
C VAL A 233 -0.73 -17.09 9.59
N LEU A 234 -1.23 -17.93 10.49
CA LEU A 234 -1.44 -17.54 11.88
C LEU A 234 -0.13 -17.16 12.50
N PRO A 235 -0.09 -16.02 13.23
CA PRO A 235 1.16 -15.62 13.87
C PRO A 235 1.77 -16.79 14.67
N SER A 236 2.86 -17.37 14.15
CA SER A 236 3.52 -18.51 14.78
C SER A 236 4.85 -18.20 15.47
N VAL A 237 5.23 -19.03 16.43
CA VAL A 237 6.45 -18.83 17.20
C VAL A 237 7.49 -19.93 17.02
N ILE A 238 8.72 -19.55 16.71
CA ILE A 238 9.77 -20.54 16.57
C ILE A 238 10.32 -20.78 17.96
N VAL A 239 10.59 -22.03 18.29
CA VAL A 239 11.10 -22.33 19.62
C VAL A 239 12.41 -23.09 19.54
N ARG A 240 13.19 -23.00 20.61
CA ARG A 240 14.47 -23.67 20.70
C ARG A 240 14.32 -25.13 21.07
N GLU A 241 15.45 -25.80 21.22
CA GLU A 241 15.42 -27.22 21.58
C GLU A 241 14.73 -27.41 22.92
N ASP A 242 14.82 -26.40 23.79
CA ASP A 242 14.21 -26.48 25.11
C ASP A 242 12.71 -26.09 25.12
N GLY A 243 12.14 -25.90 23.94
CA GLY A 243 10.74 -25.54 23.84
C GLY A 243 10.46 -24.06 23.98
N ARG A 244 11.42 -23.31 24.51
CA ARG A 244 11.28 -21.86 24.71
C ARG A 244 11.28 -21.05 23.40
N PRO A 245 10.53 -19.94 23.35
CA PRO A 245 10.52 -19.13 22.12
C PRO A 245 11.95 -18.70 21.79
N VAL A 246 12.28 -18.60 20.51
CA VAL A 246 13.62 -18.18 20.13
C VAL A 246 13.90 -16.82 20.75
N ALA A 247 12.89 -15.94 20.73
CA ALA A 247 13.02 -14.60 21.30
C ALA A 247 11.72 -13.85 21.32
N THR A 248 11.56 -13.05 22.36
CA THR A 248 10.37 -12.21 22.49
C THR A 248 10.87 -10.79 22.71
N ILE A 249 10.12 -9.81 22.24
CA ILE A 249 10.51 -8.42 22.39
C ILE A 249 10.42 -8.04 23.86
N GLN A 250 11.51 -7.54 24.42
CA GLN A 250 11.49 -7.17 25.84
C GLN A 250 11.88 -5.73 26.06
N ASP A 251 11.86 -5.33 27.33
CA ASP A 251 12.20 -3.98 27.69
C ASP A 251 13.56 -3.59 27.16
N ASN A 252 13.67 -2.36 26.71
CA ASN A 252 14.88 -1.77 26.15
C ASN A 252 15.51 -2.44 24.93
N ASP A 253 14.75 -3.33 24.30
CA ASP A 253 15.21 -4.01 23.09
C ASP A 253 15.06 -2.95 22.00
N ALA A 254 15.67 -3.18 20.84
CA ALA A 254 15.57 -2.25 19.71
C ALA A 254 14.79 -2.96 18.62
N ILE A 255 14.02 -2.20 17.86
CA ILE A 255 13.24 -2.78 16.79
C ILE A 255 13.43 -1.91 15.56
N ILE A 256 13.77 -2.56 14.45
CA ILE A 256 13.92 -1.84 13.19
C ILE A 256 12.88 -2.48 12.28
N PHE A 257 11.85 -1.69 11.95
CA PHE A 257 10.76 -2.12 11.09
C PHE A 257 11.15 -1.72 9.67
N TYR A 258 11.70 -2.67 8.90
CA TYR A 258 12.16 -2.39 7.53
C TYR A 258 11.10 -2.32 6.43
N ASN A 259 9.93 -1.81 6.80
CA ASN A 259 8.84 -1.62 5.84
C ASN A 259 8.91 -0.14 5.52
N PHE A 260 8.77 0.24 4.25
CA PHE A 260 8.84 1.65 3.93
C PHE A 260 7.50 2.23 3.50
N ARG A 261 6.43 1.43 3.58
CA ARG A 261 5.10 1.93 3.24
C ARG A 261 4.39 2.14 4.57
N PRO A 262 3.78 3.31 4.77
CA PRO A 262 3.10 3.60 6.04
C PRO A 262 1.75 3.03 6.39
N ASP A 263 0.80 3.07 5.46
CA ASP A 263 -0.54 2.58 5.76
C ASP A 263 -0.62 1.24 6.51
N ARG A 264 0.12 0.23 6.08
CA ARG A 264 0.04 -1.06 6.78
C ARG A 264 1.08 -1.23 7.90
N ALA A 265 1.83 -0.18 8.23
CA ALA A 265 2.86 -0.25 9.27
C ALA A 265 2.50 0.51 10.54
N ILE A 266 1.68 1.54 10.39
CA ILE A 266 1.28 2.37 11.53
C ILE A 266 0.64 1.62 12.71
N GLN A 267 -0.33 0.74 12.42
CA GLN A 267 -1.02 0.02 13.50
C GLN A 267 -0.11 -0.76 14.44
N ILE A 268 0.65 -1.70 13.92
CA ILE A 268 1.54 -2.49 14.78
C ILE A 268 2.63 -1.61 15.39
N SER A 269 2.98 -0.53 14.70
CA SER A 269 3.99 0.38 15.19
C SER A 269 3.48 1.11 16.42
N ASN A 270 2.18 1.42 16.41
CA ASN A 270 1.58 2.11 17.53
C ASN A 270 1.47 1.17 18.73
N THR A 271 1.11 -0.07 18.47
CA THR A 271 0.97 -1.07 19.51
C THR A 271 2.24 -1.17 20.33
N PHE A 272 3.37 -0.96 19.67
CA PHE A 272 4.68 -1.04 20.31
C PHE A 272 5.19 0.23 20.96
N THR A 273 4.98 1.36 20.31
CA THR A 273 5.49 2.62 20.81
C THR A 273 4.55 3.52 21.61
N ASN A 274 3.25 3.28 21.53
CA ASN A 274 2.28 4.13 22.24
C ASN A 274 2.22 3.99 23.75
N GLU A 275 2.64 5.05 24.43
CA GLU A 275 2.64 5.10 25.89
C GLU A 275 1.29 4.64 26.40
N ASP A 276 0.24 5.35 26.03
CA ASP A 276 -1.11 5.01 26.42
C ASP A 276 -1.74 4.35 25.20
N PHE A 277 -2.06 3.07 25.31
CA PHE A 277 -2.64 2.35 24.20
C PHE A 277 -3.96 1.71 24.62
N ARG A 278 -5.02 2.01 23.89
CA ARG A 278 -6.33 1.47 24.23
C ARG A 278 -6.96 0.44 23.29
N GLU A 279 -6.60 0.45 22.00
CA GLU A 279 -7.19 -0.50 21.05
C GLU A 279 -7.42 -1.88 21.65
N PHE A 280 -6.50 -2.31 22.50
CA PHE A 280 -6.61 -3.59 23.19
C PHE A 280 -5.62 -3.63 24.35
N ASP A 281 -5.77 -4.60 25.24
CA ASP A 281 -4.89 -4.71 26.40
C ASP A 281 -3.59 -5.41 26.03
N ARG A 282 -2.48 -4.69 26.15
CA ARG A 282 -1.18 -5.25 25.82
C ARG A 282 -0.62 -6.12 26.93
N GLY A 283 -1.41 -6.30 27.99
CA GLY A 283 -0.96 -7.10 29.11
C GLY A 283 -0.01 -6.28 29.97
N PRO A 284 -0.07 -6.44 31.30
CA PRO A 284 0.80 -5.68 32.22
C PRO A 284 2.32 -5.80 32.00
N LYS A 285 2.79 -6.96 31.55
CA LYS A 285 4.23 -7.13 31.36
C LYS A 285 4.69 -6.77 29.96
N HIS A 286 3.83 -6.12 29.18
CA HIS A 286 4.22 -5.75 27.83
C HIS A 286 5.50 -4.92 27.85
N PRO A 287 6.35 -5.05 26.81
CA PRO A 287 7.62 -4.34 26.67
C PRO A 287 7.57 -2.83 26.61
N LYS A 288 8.52 -2.21 27.31
CA LYS A 288 8.63 -0.76 27.37
C LYS A 288 10.04 -0.31 27.05
N HIS A 289 10.20 0.98 26.82
CA HIS A 289 11.49 1.57 26.52
C HIS A 289 12.16 1.00 25.28
N LEU A 290 11.36 0.59 24.30
CA LEU A 290 11.88 0.04 23.06
C LEU A 290 12.43 1.15 22.15
N PHE A 291 13.65 0.96 21.63
CA PHE A 291 14.25 1.93 20.71
C PHE A 291 13.63 1.52 19.37
N PHE A 292 12.56 2.19 18.99
CA PHE A 292 11.85 1.85 17.75
C PHE A 292 12.25 2.64 16.52
N VAL A 293 12.67 1.93 15.48
CA VAL A 293 13.08 2.60 14.25
C VAL A 293 12.18 2.24 13.07
N CYS A 294 11.66 3.27 12.40
CA CYS A 294 10.82 3.09 11.23
C CYS A 294 11.73 3.36 10.05
N LEU A 295 11.67 2.54 9.00
CA LEU A 295 12.53 2.75 7.84
C LEU A 295 12.30 4.13 7.23
N THR A 296 11.03 4.52 7.15
CA THR A 296 10.61 5.81 6.63
C THR A 296 9.56 6.29 7.61
N HIS A 297 9.03 7.48 7.39
CA HIS A 297 8.01 8.02 8.29
C HIS A 297 6.66 7.32 8.17
N PHE A 298 6.14 6.83 9.29
CA PHE A 298 4.84 6.14 9.29
C PHE A 298 3.76 7.13 9.75
N SER A 299 3.97 7.75 10.90
CA SER A 299 3.02 8.74 11.42
C SER A 299 3.60 9.45 12.62
N GLU A 300 2.99 10.57 12.98
CA GLU A 300 3.46 11.34 14.12
C GLU A 300 3.22 10.59 15.43
N THR A 301 2.22 9.71 15.41
CA THR A 301 1.83 8.90 16.57
C THR A 301 2.90 7.89 17.02
N VAL A 302 3.55 7.27 16.04
CA VAL A 302 4.58 6.29 16.30
C VAL A 302 5.77 6.89 17.05
N ALA A 303 5.82 6.65 18.35
CA ALA A 303 6.91 7.17 19.17
C ALA A 303 8.18 6.40 18.79
N GLY A 304 8.83 6.82 17.70
CA GLY A 304 10.05 6.17 17.26
C GLY A 304 10.85 7.03 16.30
N TYR A 305 12.02 6.53 15.90
CA TYR A 305 12.92 7.25 15.00
C TYR A 305 12.68 6.87 13.55
N VAL A 306 13.08 7.76 12.64
CA VAL A 306 12.92 7.51 11.22
C VAL A 306 14.28 7.51 10.54
N ALA A 307 14.66 6.35 10.02
CA ALA A 307 15.94 6.17 9.34
C ALA A 307 16.03 7.07 8.11
N PHE A 308 15.03 7.01 7.24
CA PHE A 308 15.01 7.85 6.06
C PHE A 308 13.93 8.89 6.24
N LYS A 309 14.35 10.09 6.63
CA LYS A 309 13.46 11.23 6.88
C LYS A 309 12.73 11.64 5.61
N PRO A 310 11.50 12.13 5.76
CA PRO A 310 10.72 12.55 4.58
C PRO A 310 10.97 13.97 4.06
N THR A 311 10.54 14.23 2.83
CA THR A 311 10.69 15.52 2.18
C THR A 311 9.30 15.98 1.73
N ASN A 312 8.93 17.22 2.06
CA ASN A 312 7.62 17.76 1.71
C ASN A 312 7.27 17.75 0.23
N LEU A 313 5.99 17.51 -0.05
CA LEU A 313 5.51 17.50 -1.42
C LEU A 313 4.63 18.73 -1.48
N ASP A 314 5.22 19.81 -1.97
CA ASP A 314 4.52 21.09 -2.05
C ASP A 314 3.72 21.30 -3.32
N ASN A 315 2.55 21.91 -3.14
CA ASN A 315 1.64 22.23 -4.22
C ASN A 315 1.06 21.03 -4.97
N THR A 316 0.54 20.07 -4.21
CA THR A 316 -0.10 18.89 -4.79
C THR A 316 -1.50 19.40 -5.15
N ILE A 317 -2.22 18.70 -6.02
CA ILE A 317 -3.52 19.21 -6.41
C ILE A 317 -4.44 19.58 -5.25
N GLY A 318 -4.36 18.85 -4.14
CA GLY A 318 -5.21 19.18 -3.00
C GLY A 318 -4.91 20.59 -2.51
N GLU A 319 -3.63 20.94 -2.50
CA GLU A 319 -3.16 22.24 -2.04
C GLU A 319 -3.44 23.38 -3.01
N VAL A 320 -3.31 23.12 -4.31
CA VAL A 320 -3.57 24.15 -5.33
C VAL A 320 -5.07 24.45 -5.37
N LEU A 321 -5.88 23.40 -5.24
CA LEU A 321 -7.33 23.55 -5.24
C LEU A 321 -7.70 24.41 -4.03
N SER A 322 -7.15 24.06 -2.88
CA SER A 322 -7.41 24.79 -1.64
C SER A 322 -6.95 26.23 -1.75
N GLN A 323 -5.75 26.41 -2.31
CA GLN A 323 -5.17 27.73 -2.48
C GLN A 323 -6.07 28.65 -3.29
N HIS A 324 -6.84 28.06 -4.19
CA HIS A 324 -7.72 28.86 -5.04
C HIS A 324 -9.16 28.88 -4.59
N GLY A 325 -9.34 28.75 -3.27
CA GLY A 325 -10.66 28.78 -2.70
C GLY A 325 -11.67 27.80 -3.22
N LEU A 326 -11.22 26.67 -3.78
CA LEU A 326 -12.15 25.67 -4.30
C LEU A 326 -12.53 24.70 -3.18
N ARG A 327 -13.67 24.05 -3.32
CA ARG A 327 -14.13 23.08 -2.33
C ARG A 327 -13.88 21.72 -2.95
N GLN A 328 -13.22 20.84 -2.21
CA GLN A 328 -12.90 19.51 -2.70
C GLN A 328 -13.41 18.45 -1.76
N LEU A 329 -13.68 17.28 -2.31
CA LEU A 329 -14.15 16.18 -1.51
C LEU A 329 -13.36 14.94 -1.85
N ARG A 330 -12.98 14.19 -0.83
CA ARG A 330 -12.24 12.94 -1.01
C ARG A 330 -13.21 11.85 -0.54
N ILE A 331 -13.50 10.87 -1.40
CA ILE A 331 -14.41 9.82 -0.99
C ILE A 331 -13.92 8.43 -1.40
N ALA A 332 -14.12 7.47 -0.51
CA ALA A 332 -13.71 6.10 -0.76
C ALA A 332 -14.10 5.22 0.39
N GLU A 333 -14.09 3.91 0.20
CA GLU A 333 -14.43 3.02 1.28
C GLU A 333 -13.15 2.65 1.99
N THR A 334 -13.28 2.26 3.25
CA THR A 334 -12.15 1.89 4.11
C THR A 334 -10.82 1.53 3.44
N GLU A 335 -10.78 0.38 2.76
CA GLU A 335 -9.59 -0.11 2.09
C GLU A 335 -8.76 0.92 1.32
N LYS A 336 -9.42 1.86 0.66
CA LYS A 336 -8.70 2.88 -0.09
C LYS A 336 -8.85 4.29 0.47
N TYR A 337 -9.43 4.43 1.67
CA TYR A 337 -9.59 5.77 2.26
C TYR A 337 -8.25 6.46 2.49
N PRO A 338 -7.22 5.71 2.93
CA PRO A 338 -5.90 6.33 3.16
C PRO A 338 -5.19 6.83 1.90
N HIS A 339 -5.52 6.25 0.76
CA HIS A 339 -4.89 6.62 -0.49
C HIS A 339 -5.56 7.83 -1.12
N VAL A 340 -6.87 7.94 -0.91
CA VAL A 340 -7.61 9.07 -1.47
C VAL A 340 -7.43 10.32 -0.61
N THR A 341 -6.87 10.13 0.58
CA THR A 341 -6.64 11.24 1.49
C THR A 341 -5.15 11.45 1.71
N PHE A 342 -4.54 10.65 2.59
CA PHE A 342 -3.13 10.79 2.90
C PHE A 342 -2.19 10.83 1.71
N PHE A 343 -2.17 9.78 0.93
CA PHE A 343 -1.29 9.72 -0.22
C PHE A 343 -1.63 10.72 -1.33
N MET A 344 -2.92 10.92 -1.60
CA MET A 344 -3.35 11.87 -2.62
C MET A 344 -2.84 13.28 -2.27
N SER A 345 -2.89 13.61 -0.98
CA SER A 345 -2.45 14.91 -0.48
C SER A 345 -0.93 15.01 -0.34
N GLY A 346 -0.20 14.14 -1.05
CA GLY A 346 1.26 14.17 -0.99
C GLY A 346 1.85 13.71 0.34
N GLY A 347 1.24 12.71 0.96
CA GLY A 347 1.75 12.20 2.23
C GLY A 347 1.37 13.10 3.39
N ARG A 348 0.33 13.91 3.18
CA ARG A 348 -0.14 14.82 4.21
C ARG A 348 -1.33 14.24 4.93
N GLU A 349 -1.28 14.33 6.25
CA GLU A 349 -2.34 13.79 7.08
C GLU A 349 -3.52 14.76 7.27
N GLU A 350 -3.23 15.98 7.70
CA GLU A 350 -4.24 16.99 7.93
C GLU A 350 -4.95 17.40 6.65
N GLU A 351 -6.25 17.64 6.73
CA GLU A 351 -7.00 18.05 5.55
C GLU A 351 -6.64 19.48 5.18
N PHE A 352 -6.84 19.83 3.92
CA PHE A 352 -6.57 21.19 3.44
C PHE A 352 -7.84 21.99 3.75
N PRO A 353 -7.73 23.33 3.87
CA PRO A 353 -8.96 24.06 4.15
C PRO A 353 -9.83 23.90 2.90
N GLY A 354 -11.10 23.59 3.08
CA GLY A 354 -11.97 23.40 1.93
C GLY A 354 -12.05 21.95 1.50
N GLU A 355 -11.29 21.08 2.14
CA GLU A 355 -11.32 19.67 1.78
C GLU A 355 -12.25 18.90 2.69
N ASP A 356 -13.17 18.15 2.11
CA ASP A 356 -14.11 17.33 2.87
C ASP A 356 -13.77 15.88 2.56
N ARG A 357 -14.07 14.98 3.48
CA ARG A 357 -13.81 13.57 3.28
C ARG A 357 -14.97 12.69 3.72
N ILE A 358 -15.25 11.65 2.93
CA ILE A 358 -16.31 10.71 3.25
C ILE A 358 -15.70 9.32 3.27
N LEU A 359 -15.90 8.62 4.38
CA LEU A 359 -15.40 7.28 4.52
C LEU A 359 -16.60 6.37 4.56
N ILE A 360 -16.60 5.34 3.72
CA ILE A 360 -17.68 4.37 3.69
C ILE A 360 -17.00 3.08 4.16
N ASN A 361 -17.62 2.38 5.10
CA ASN A 361 -17.04 1.16 5.62
C ASN A 361 -17.11 0.00 4.65
N SER A 362 -15.98 -0.66 4.44
CA SER A 362 -15.93 -1.81 3.55
C SER A 362 -16.71 -2.94 4.22
N PRO A 363 -17.18 -3.92 3.44
CA PRO A 363 -17.94 -5.04 4.03
C PRO A 363 -17.15 -5.79 5.10
N LYS A 364 -17.86 -6.29 6.10
CA LYS A 364 -17.23 -7.03 7.18
C LYS A 364 -16.99 -8.49 6.75
N VAL A 365 -16.14 -8.67 5.74
CA VAL A 365 -15.80 -10.01 5.23
C VAL A 365 -14.29 -10.24 5.29
N PRO A 366 -13.88 -11.50 5.53
CA PRO A 366 -12.44 -11.79 5.61
C PRO A 366 -11.72 -11.36 4.33
N THR A 367 -12.18 -11.90 3.20
CA THR A 367 -11.64 -11.56 1.90
C THR A 367 -12.83 -11.09 1.08
N TYR A 368 -12.58 -10.17 0.14
CA TYR A 368 -13.62 -9.58 -0.66
C TYR A 368 -14.11 -10.37 -1.87
N ASP A 369 -13.63 -11.60 -2.04
CA ASP A 369 -14.11 -12.43 -3.14
C ASP A 369 -15.48 -12.91 -2.67
N LEU A 370 -15.72 -12.75 -1.36
CA LEU A 370 -16.98 -13.12 -0.70
C LEU A 370 -18.05 -12.05 -0.86
N LYS A 371 -17.65 -10.87 -1.34
CA LYS A 371 -18.58 -9.77 -1.55
C LYS A 371 -17.93 -8.81 -2.55
N PRO A 372 -17.81 -9.24 -3.82
CA PRO A 372 -17.18 -8.42 -4.85
C PRO A 372 -17.67 -6.97 -5.00
N GLU A 373 -18.95 -6.69 -4.71
CA GLU A 373 -19.48 -5.34 -4.84
C GLU A 373 -19.07 -4.47 -3.65
N MET A 374 -18.46 -5.11 -2.66
CA MET A 374 -17.98 -4.43 -1.46
C MET A 374 -18.96 -3.36 -1.04
N SER A 375 -18.50 -2.11 -0.99
CA SER A 375 -19.38 -1.03 -0.59
C SER A 375 -19.51 -0.02 -1.72
N ALA A 376 -19.18 -0.48 -2.92
CA ALA A 376 -19.23 0.37 -4.10
C ALA A 376 -20.56 1.10 -4.23
N TYR A 377 -21.62 0.43 -3.83
CA TYR A 377 -22.96 1.01 -3.91
C TYR A 377 -23.21 2.09 -2.86
N GLU A 378 -22.65 1.93 -1.66
CA GLU A 378 -22.82 2.92 -0.60
C GLU A 378 -22.00 4.15 -0.95
N VAL A 379 -20.83 3.93 -1.53
CA VAL A 379 -19.98 5.04 -1.92
C VAL A 379 -20.69 5.85 -3.01
N THR A 380 -21.31 5.17 -3.96
CA THR A 380 -22.00 5.84 -5.06
C THR A 380 -23.21 6.63 -4.56
N ASP A 381 -23.98 6.05 -3.65
CA ASP A 381 -25.15 6.73 -3.12
C ASP A 381 -24.76 7.99 -2.35
N ALA A 382 -23.76 7.86 -1.48
CA ALA A 382 -23.28 8.99 -0.68
C ALA A 382 -22.82 10.13 -1.57
N LEU A 383 -22.01 9.80 -2.56
CA LEU A 383 -21.47 10.82 -3.45
C LEU A 383 -22.53 11.40 -4.38
N LEU A 384 -23.45 10.57 -4.84
CA LEU A 384 -24.52 11.03 -5.74
C LEU A 384 -25.30 12.11 -5.01
N LYS A 385 -25.39 11.96 -3.69
CA LYS A 385 -26.08 12.92 -2.85
C LYS A 385 -25.27 14.21 -2.85
N GLU A 386 -23.97 14.07 -2.61
CA GLU A 386 -23.07 15.21 -2.58
C GLU A 386 -23.13 15.99 -3.91
N ILE A 387 -23.30 15.28 -5.01
CA ILE A 387 -23.36 15.93 -6.31
C ILE A 387 -24.68 16.69 -6.46
N GLU A 388 -25.76 16.14 -5.91
CA GLU A 388 -27.08 16.78 -5.97
C GLU A 388 -27.06 18.06 -5.17
N ALA A 389 -26.26 18.08 -4.11
CA ALA A 389 -26.16 19.24 -3.25
C ALA A 389 -25.45 20.43 -3.89
N ASP A 390 -24.55 20.15 -4.83
CA ASP A 390 -23.79 21.19 -5.55
C ASP A 390 -22.80 21.93 -4.67
N LYS A 391 -22.09 21.20 -3.82
CA LYS A 391 -21.12 21.79 -2.90
C LYS A 391 -19.67 21.79 -3.37
N TYR A 392 -19.28 20.78 -4.14
CA TYR A 392 -17.88 20.66 -4.55
C TYR A 392 -17.46 21.08 -5.96
N ASP A 393 -16.28 21.67 -6.05
CA ASP A 393 -15.72 22.09 -7.33
C ASP A 393 -14.93 20.92 -7.87
N ALA A 394 -14.18 20.26 -7.00
CA ALA A 394 -13.37 19.12 -7.39
C ALA A 394 -13.73 17.90 -6.56
N ILE A 395 -13.63 16.73 -7.16
CA ILE A 395 -13.95 15.51 -6.45
C ILE A 395 -12.93 14.43 -6.76
N ILE A 396 -12.56 13.67 -5.74
CA ILE A 396 -11.62 12.57 -5.92
C ILE A 396 -12.26 11.33 -5.32
N LEU A 397 -12.68 10.45 -6.21
CA LEU A 397 -13.36 9.21 -5.88
C LEU A 397 -12.48 8.00 -6.24
N ASN A 398 -12.42 7.02 -5.36
CA ASN A 398 -11.64 5.83 -5.65
C ASN A 398 -12.53 4.61 -5.45
N TYR A 399 -12.59 3.76 -6.47
CA TYR A 399 -13.39 2.53 -6.41
C TYR A 399 -12.37 1.41 -6.22
N ALA A 400 -12.30 0.91 -4.99
CA ALA A 400 -11.35 -0.13 -4.58
C ALA A 400 -11.56 -1.53 -5.11
N ASN A 401 -12.80 -1.85 -5.46
CA ASN A 401 -13.17 -3.17 -5.96
C ASN A 401 -12.23 -3.95 -6.88
N PRO A 402 -11.80 -3.36 -8.01
CA PRO A 402 -10.91 -4.15 -8.87
C PRO A 402 -9.63 -4.64 -8.21
N ASP A 403 -9.00 -3.77 -7.44
CA ASP A 403 -7.77 -4.12 -6.78
C ASP A 403 -7.96 -5.06 -5.59
N MET A 404 -8.90 -4.71 -4.72
CA MET A 404 -9.18 -5.49 -3.54
C MET A 404 -9.59 -6.93 -3.83
N VAL A 405 -10.57 -7.16 -4.71
CA VAL A 405 -10.94 -8.56 -4.98
C VAL A 405 -10.02 -9.21 -6.02
N GLY A 406 -9.32 -8.40 -6.79
CA GLY A 406 -8.41 -8.95 -7.78
C GLY A 406 -7.22 -9.56 -7.05
N HIS A 407 -6.93 -9.02 -5.87
CA HIS A 407 -5.83 -9.50 -5.05
C HIS A 407 -6.11 -10.93 -4.60
N SER A 408 -7.34 -11.40 -4.78
CA SER A 408 -7.71 -12.75 -4.36
C SER A 408 -7.22 -13.82 -5.33
N GLY A 409 -6.83 -13.40 -6.54
CA GLY A 409 -6.36 -14.34 -7.52
C GLY A 409 -7.50 -15.17 -8.08
N LYS A 410 -8.73 -14.63 -7.98
CA LYS A 410 -9.94 -15.30 -8.48
C LYS A 410 -10.56 -14.53 -9.64
N LEU A 411 -10.90 -15.24 -10.70
CA LEU A 411 -11.45 -14.61 -11.88
C LEU A 411 -12.91 -14.17 -11.75
N GLU A 412 -13.82 -15.11 -11.50
CA GLU A 412 -15.22 -14.74 -11.40
C GLU A 412 -15.48 -13.60 -10.41
N PRO A 413 -15.00 -13.71 -9.16
CA PRO A 413 -15.24 -12.63 -8.21
C PRO A 413 -14.71 -11.28 -8.69
N THR A 414 -13.52 -11.30 -9.30
CA THR A 414 -12.93 -10.07 -9.79
C THR A 414 -13.72 -9.51 -10.94
N ILE A 415 -14.31 -10.39 -11.73
CA ILE A 415 -15.12 -9.94 -12.85
C ILE A 415 -16.38 -9.30 -12.28
N LYS A 416 -16.93 -9.94 -11.25
CA LYS A 416 -18.12 -9.40 -10.61
C LYS A 416 -17.80 -8.02 -10.06
N ALA A 417 -16.64 -7.89 -9.45
CA ALA A 417 -16.19 -6.63 -8.88
C ALA A 417 -16.14 -5.55 -9.95
N VAL A 418 -15.45 -5.84 -11.05
CA VAL A 418 -15.33 -4.91 -12.14
C VAL A 418 -16.72 -4.53 -12.66
N GLU A 419 -17.61 -5.50 -12.77
CA GLU A 419 -18.94 -5.18 -13.27
C GLU A 419 -19.72 -4.31 -12.29
N ALA A 420 -19.53 -4.54 -11.00
CA ALA A 420 -20.22 -3.75 -9.98
C ALA A 420 -19.82 -2.29 -10.11
N VAL A 421 -18.52 -2.06 -10.25
CA VAL A 421 -17.99 -0.71 -10.39
C VAL A 421 -18.45 -0.04 -11.67
N ASP A 422 -18.49 -0.78 -12.78
CA ASP A 422 -18.91 -0.16 -14.02
C ASP A 422 -20.29 0.42 -13.83
N GLU A 423 -21.18 -0.38 -13.26
CA GLU A 423 -22.53 0.07 -13.01
C GLU A 423 -22.52 1.37 -12.23
N CYS A 424 -21.72 1.41 -11.17
CA CYS A 424 -21.59 2.59 -10.32
C CYS A 424 -20.97 3.76 -11.08
N LEU A 425 -19.91 3.47 -11.83
CA LEU A 425 -19.21 4.48 -12.60
C LEU A 425 -20.15 5.24 -13.53
N GLY A 426 -21.08 4.52 -14.13
CA GLY A 426 -22.01 5.15 -15.04
C GLY A 426 -22.89 6.14 -14.30
N LYS A 427 -23.36 5.75 -13.12
CA LYS A 427 -24.21 6.63 -12.34
C LYS A 427 -23.47 7.93 -11.97
N VAL A 428 -22.22 7.78 -11.50
CA VAL A 428 -21.42 8.94 -11.10
C VAL A 428 -21.11 9.89 -12.24
N VAL A 429 -20.49 9.38 -13.30
CA VAL A 429 -20.12 10.21 -14.45
C VAL A 429 -21.36 10.82 -15.13
N ASP A 430 -22.47 10.09 -15.13
CA ASP A 430 -23.70 10.57 -15.72
C ASP A 430 -24.27 11.72 -14.88
N ALA A 431 -24.04 11.66 -13.57
CA ALA A 431 -24.50 12.71 -12.68
C ALA A 431 -23.64 13.95 -12.85
N ILE A 432 -22.33 13.72 -13.06
CA ILE A 432 -21.37 14.80 -13.24
C ILE A 432 -21.71 15.56 -14.50
N LEU A 433 -21.81 14.83 -15.60
CA LEU A 433 -22.12 15.44 -16.89
C LEU A 433 -23.44 16.20 -16.86
N ALA A 434 -24.46 15.61 -16.21
CA ALA A 434 -25.77 16.24 -16.12
C ALA A 434 -25.65 17.55 -15.35
N LYS A 435 -24.64 17.60 -14.50
CA LYS A 435 -24.37 18.79 -13.70
C LYS A 435 -23.48 19.74 -14.48
N GLY A 436 -23.17 19.38 -15.72
CA GLY A 436 -22.32 20.22 -16.53
C GLY A 436 -20.84 20.10 -16.21
N GLY A 437 -20.46 19.12 -15.39
CA GLY A 437 -19.05 18.98 -15.05
C GLY A 437 -18.34 17.97 -15.93
N ILE A 438 -17.06 17.77 -15.70
CA ILE A 438 -16.32 16.81 -16.49
C ILE A 438 -15.64 15.78 -15.59
N ALA A 439 -15.50 14.56 -16.10
CA ALA A 439 -14.89 13.47 -15.34
C ALA A 439 -13.60 12.95 -15.95
N ILE A 440 -12.63 12.66 -15.09
CA ILE A 440 -11.36 12.11 -15.50
C ILE A 440 -11.39 10.70 -14.93
N ILE A 441 -11.69 9.72 -15.78
CA ILE A 441 -11.75 8.34 -15.36
C ILE A 441 -10.38 7.76 -15.57
N THR A 442 -9.80 7.19 -14.53
CA THR A 442 -8.45 6.63 -14.61
C THR A 442 -8.21 5.51 -13.59
N ALA A 443 -6.94 5.19 -13.34
CA ALA A 443 -6.58 4.14 -12.39
C ALA A 443 -5.14 4.39 -11.89
N ASP A 444 -4.83 3.88 -10.71
CA ASP A 444 -3.48 4.07 -10.16
C ASP A 444 -2.47 3.01 -10.59
N HIS A 445 -2.97 1.86 -11.05
CA HIS A 445 -2.13 0.74 -11.49
C HIS A 445 -3.00 -0.47 -11.86
N GLY A 446 -2.37 -1.53 -12.34
CA GLY A 446 -3.08 -2.74 -12.72
C GLY A 446 -3.13 -3.80 -11.66
N ASN A 447 -3.99 -4.79 -11.87
CA ASN A 447 -4.18 -5.89 -10.94
C ASN A 447 -5.26 -6.81 -11.51
N ALA A 448 -6.46 -6.27 -11.61
CA ALA A 448 -7.61 -7.01 -12.10
C ALA A 448 -7.43 -7.44 -13.55
N ASP A 449 -6.38 -6.95 -14.20
CA ASP A 449 -6.14 -7.34 -15.59
C ASP A 449 -5.40 -8.68 -15.64
N GLU A 450 -5.06 -9.20 -14.46
CA GLU A 450 -4.35 -10.47 -14.37
C GLU A 450 -4.49 -11.09 -12.98
N VAL A 451 -5.48 -11.96 -12.82
CA VAL A 451 -5.75 -12.63 -11.54
C VAL A 451 -5.47 -14.13 -11.66
N LEU A 452 -4.97 -14.53 -12.82
CA LEU A 452 -4.61 -15.94 -13.08
C LEU A 452 -3.29 -15.92 -13.83
N THR A 453 -2.42 -16.85 -13.47
CA THR A 453 -1.11 -16.99 -14.12
C THR A 453 -1.37 -17.77 -15.42
N PRO A 454 -0.39 -17.81 -16.35
CA PRO A 454 -0.59 -18.55 -17.60
C PRO A 454 -1.11 -19.98 -17.42
N ASP A 455 -0.68 -20.64 -16.35
CA ASP A 455 -1.10 -22.01 -16.06
C ASP A 455 -2.47 -22.04 -15.40
N GLY A 456 -2.99 -20.86 -15.06
CA GLY A 456 -4.31 -20.80 -14.45
C GLY A 456 -4.31 -20.69 -12.94
N LYS A 457 -3.13 -20.58 -12.33
CA LYS A 457 -3.02 -20.47 -10.89
C LYS A 457 -3.37 -19.05 -10.42
N PRO A 458 -3.71 -18.87 -9.15
CA PRO A 458 -4.05 -17.53 -8.67
C PRO A 458 -2.91 -16.54 -8.78
N GLN A 459 -3.23 -15.36 -9.29
CA GLN A 459 -2.28 -14.27 -9.44
C GLN A 459 -2.82 -13.19 -8.50
N THR A 460 -2.18 -13.07 -7.34
CA THR A 460 -2.61 -12.14 -6.28
C THR A 460 -1.98 -10.74 -6.22
N ALA A 461 -1.11 -10.42 -7.17
CA ALA A 461 -0.42 -9.13 -7.19
C ALA A 461 -0.77 -8.21 -8.35
N HIS A 462 -0.19 -7.02 -8.32
CA HIS A 462 -0.38 -6.01 -9.35
C HIS A 462 0.28 -6.44 -10.65
N THR A 463 0.00 -5.68 -11.72
CA THR A 463 0.60 -5.95 -13.01
C THR A 463 1.37 -4.68 -13.36
N THR A 464 2.03 -4.67 -14.51
CA THR A 464 2.79 -3.50 -14.93
C THR A 464 2.16 -2.85 -16.15
N ASN A 465 0.92 -3.22 -16.44
CA ASN A 465 0.19 -2.69 -17.59
C ASN A 465 -0.22 -1.25 -17.42
N PRO A 466 -0.41 -0.52 -18.53
CA PRO A 466 -0.81 0.89 -18.53
C PRO A 466 -2.23 1.04 -18.02
N VAL A 467 -2.54 2.23 -17.53
CA VAL A 467 -3.87 2.50 -16.99
C VAL A 467 -4.67 3.31 -18.00
N PRO A 468 -6.00 3.17 -17.97
CA PRO A 468 -6.81 3.93 -18.89
C PRO A 468 -6.96 5.38 -18.43
N VAL A 469 -7.27 6.28 -19.36
CA VAL A 469 -7.50 7.69 -19.06
C VAL A 469 -8.60 8.25 -19.96
N ILE A 470 -9.72 8.65 -19.36
CA ILE A 470 -10.82 9.20 -20.13
C ILE A 470 -11.18 10.56 -19.58
N VAL A 471 -11.23 11.55 -20.46
CA VAL A 471 -11.61 12.91 -20.08
C VAL A 471 -12.94 13.11 -20.78
N THR A 472 -14.02 13.14 -20.01
CA THR A 472 -15.36 13.30 -20.57
C THR A 472 -15.61 14.72 -21.03
N LYS A 473 -14.76 15.21 -21.93
CA LYS A 473 -14.89 16.54 -22.50
C LYS A 473 -14.73 16.43 -24.01
N LYS A 474 -15.86 16.44 -24.72
CA LYS A 474 -15.83 16.36 -26.19
C LYS A 474 -15.07 17.58 -26.74
N GLY A 475 -14.55 17.45 -27.95
CA GLY A 475 -13.83 18.57 -28.53
C GLY A 475 -12.36 18.71 -28.19
N ILE A 476 -11.81 17.76 -27.44
CA ILE A 476 -10.38 17.84 -27.09
C ILE A 476 -9.63 16.54 -27.40
N LYS A 477 -8.31 16.63 -27.42
CA LYS A 477 -7.45 15.48 -27.70
C LYS A 477 -6.46 15.36 -26.55
N LEU A 478 -6.00 14.13 -26.30
CA LEU A 478 -5.05 13.86 -25.22
C LEU A 478 -3.72 13.29 -25.77
N ARG A 479 -2.60 13.80 -25.29
CA ARG A 479 -1.28 13.33 -25.73
C ARG A 479 -1.18 11.85 -25.38
N ASP A 480 -0.14 11.18 -25.87
CA ASP A 480 -0.05 9.75 -25.61
C ASP A 480 1.04 9.20 -24.70
N GLY A 481 2.20 9.84 -24.66
CA GLY A 481 3.26 9.33 -23.81
C GLY A 481 3.13 9.70 -22.34
N GLY A 482 1.88 9.86 -21.89
CA GLY A 482 1.60 10.24 -20.52
C GLY A 482 1.98 9.33 -19.37
N ILE A 483 2.09 9.95 -18.19
CA ILE A 483 2.41 9.27 -16.95
C ILE A 483 1.44 9.82 -15.91
N LEU A 484 1.27 9.09 -14.81
CA LEU A 484 0.36 9.51 -13.76
C LEU A 484 0.60 10.96 -13.34
N GLY A 485 1.87 11.35 -13.30
CA GLY A 485 2.23 12.70 -12.90
C GLY A 485 1.64 13.77 -13.81
N ASP A 486 1.00 13.36 -14.90
CA ASP A 486 0.39 14.30 -15.84
C ASP A 486 -1.11 14.47 -15.59
N LEU A 487 -1.64 13.70 -14.62
CA LEU A 487 -3.06 13.76 -14.30
C LEU A 487 -3.45 15.06 -13.60
N ALA A 488 -2.70 15.45 -12.55
CA ALA A 488 -3.01 16.68 -11.82
C ALA A 488 -3.05 17.90 -12.75
N PRO A 489 -2.01 18.10 -13.58
CA PRO A 489 -1.99 19.25 -14.49
C PRO A 489 -3.22 19.28 -15.40
N THR A 490 -3.66 18.10 -15.82
CA THR A 490 -4.81 18.01 -16.68
C THR A 490 -6.04 18.49 -15.92
N MET A 491 -6.13 18.14 -14.64
CA MET A 491 -7.26 18.54 -13.82
C MET A 491 -7.27 20.06 -13.66
N LEU A 492 -6.12 20.63 -13.31
CA LEU A 492 -5.99 22.06 -13.13
C LEU A 492 -6.30 22.74 -14.45
N ASP A 493 -5.91 22.08 -15.54
CA ASP A 493 -6.15 22.58 -16.89
C ASP A 493 -7.65 22.69 -17.05
N LEU A 494 -8.35 21.58 -16.77
CA LEU A 494 -9.80 21.53 -16.86
C LEU A 494 -10.42 22.55 -15.90
N LEU A 495 -9.82 22.68 -14.71
CA LEU A 495 -10.31 23.63 -13.72
C LEU A 495 -9.89 25.03 -14.10
N GLY A 496 -9.05 25.13 -15.12
CA GLY A 496 -8.58 26.43 -15.54
C GLY A 496 -7.77 27.16 -14.49
N LEU A 497 -7.17 26.40 -13.57
CA LEU A 497 -6.36 27.02 -12.53
C LEU A 497 -4.94 26.96 -13.02
N PRO A 498 -4.12 27.95 -12.62
CA PRO A 498 -2.72 27.94 -13.06
C PRO A 498 -1.98 26.77 -12.41
N GLN A 499 -0.97 26.23 -13.09
CA GLN A 499 -0.21 25.10 -12.56
C GLN A 499 1.11 25.54 -11.90
N PRO A 500 1.39 25.07 -10.67
CA PRO A 500 2.62 25.44 -9.96
C PRO A 500 3.88 24.91 -10.65
N LYS A 501 5.01 25.57 -10.44
CA LYS A 501 6.25 25.13 -11.05
C LYS A 501 6.65 23.78 -10.47
N GLU A 502 6.26 23.54 -9.21
CA GLU A 502 6.54 22.28 -8.52
C GLU A 502 6.01 21.12 -9.35
N MET A 503 4.81 21.31 -9.89
CA MET A 503 4.17 20.30 -10.72
C MET A 503 4.89 20.31 -12.06
N THR A 504 5.83 19.39 -12.23
CA THR A 504 6.61 19.29 -13.45
C THR A 504 5.95 18.43 -14.52
N GLY A 505 4.75 17.93 -14.23
CA GLY A 505 4.03 17.11 -15.18
C GLY A 505 3.38 18.01 -16.22
N LYS A 506 2.90 17.44 -17.31
CA LYS A 506 2.28 18.21 -18.38
C LYS A 506 0.86 17.77 -18.68
N SER A 507 -0.05 18.74 -18.77
CA SER A 507 -1.44 18.43 -19.07
C SER A 507 -1.55 17.52 -20.27
N LEU A 508 -2.39 16.50 -20.13
CA LEU A 508 -2.59 15.55 -21.22
C LEU A 508 -3.43 16.15 -22.34
N ILE A 509 -3.95 17.35 -22.14
CA ILE A 509 -4.77 17.99 -23.15
C ILE A 509 -3.93 18.74 -24.20
N VAL A 510 -4.19 18.45 -25.47
CA VAL A 510 -3.49 19.06 -26.59
C VAL A 510 -4.09 20.42 -26.97
#